data_4H2J
#
_entry.id   4H2J
#
_cell.length_a   63.160
_cell.length_b   68.961
_cell.length_c   111.735
_cell.angle_alpha   90.000
_cell.angle_beta   90.000
_cell.angle_gamma   90.000
#
_symmetry.space_group_name_H-M   'P 21 21 21'
#
loop_
_entity.id
_entity.type
_entity.pdbx_description
1 polymer 'Undecaprenyl pyrophosphate synthase'
2 non-polymer N~4~-[4-(4,5-dihydro-1H-imidazol-2-yl)phenyl]-N~1~-[4-(1H-imidazol-2-yl)phenyl]-2-nitrobenzene-1,4-dicarboxamide
3 water water
#
_entity_poly.entity_id   1
_entity_poly.type   'polypeptide(L)'
_entity_poly.pdbx_seq_one_letter_code
;MMLSATQPLSEKLPAHGCRHVAIIMDGNGRWAKKQGKIRAFGHKAGAKSVRRAVSFAANNGIEALTLYAFSSENWNRPAQ
EVSALMELFVWALDSEVKSLHRHNVRLRIIGDTSRFNSRLQERIRKSEALTAGNTGLTLNIAANYGGRWDIVQGVRQLAE
KVQQGNLQPDQIDEEMLNQHVCMHELAPVDLVIRTGGEHRISNFLLWQIAYAELYFTDVLWPDFDEQDFEGALNAFANRE
RRFGGTEPGDETA
;
_entity_poly.pdbx_strand_id   A,B
#
# COMPACT_ATOMS: atom_id res chain seq x y z
N LEU A 13 -12.60 -19.83 11.04
CA LEU A 13 -11.39 -18.95 11.20
C LEU A 13 -10.68 -19.29 12.54
N PRO A 14 -9.33 -19.32 12.58
CA PRO A 14 -8.68 -19.55 13.89
C PRO A 14 -9.07 -18.40 14.83
N ALA A 15 -8.81 -18.57 16.14
CA ALA A 15 -9.09 -17.49 17.11
C ALA A 15 -8.39 -16.19 16.75
N HIS A 16 -7.14 -16.25 16.23
CA HIS A 16 -6.52 -14.95 15.83
C HIS A 16 -7.17 -14.21 14.67
N GLY A 17 -8.03 -14.89 13.90
CA GLY A 17 -8.71 -14.24 12.83
C GLY A 17 -7.97 -14.14 11.51
N CYS A 18 -6.70 -14.61 11.46
CA CYS A 18 -5.88 -14.32 10.29
C CYS A 18 -5.86 -15.46 9.37
N ARG A 19 -6.30 -15.26 8.13
CA ARG A 19 -6.13 -16.29 7.12
C ARG A 19 -4.82 -16.12 6.28
N HIS A 20 -4.37 -14.88 6.01
CA HIS A 20 -3.17 -14.73 5.14
C HIS A 20 -2.32 -13.66 5.73
N VAL A 21 -1.07 -14.03 6.03
CA VAL A 21 -0.13 -13.08 6.65
C VAL A 21 0.95 -12.86 5.57
N ALA A 22 1.46 -11.62 5.42
CA ALA A 22 2.61 -11.41 4.50
C ALA A 22 3.74 -10.80 5.35
N ILE A 23 5.01 -11.10 5.07
CA ILE A 23 6.08 -10.62 5.98
C ILE A 23 7.19 -10.02 5.10
N ILE A 24 7.60 -8.77 5.42
CA ILE A 24 8.75 -8.17 4.79
C ILE A 24 9.86 -8.54 5.79
N MET A 25 10.75 -9.41 5.34
CA MET A 25 11.75 -9.98 6.28
C MET A 25 13.06 -9.23 6.36
N ASP A 26 13.07 -8.04 6.92
CA ASP A 26 14.27 -7.17 6.86
C ASP A 26 15.02 -7.25 8.20
N GLY A 27 16.33 -7.01 8.12
CA GLY A 27 17.17 -6.96 9.31
C GLY A 27 18.36 -7.93 9.28
N ASN A 28 18.41 -8.82 8.27
CA ASN A 28 19.49 -9.89 8.27
C ASN A 28 20.91 -9.23 8.21
N GLY A 29 21.07 -8.22 7.37
CA GLY A 29 22.40 -7.47 7.28
C GLY A 29 22.75 -6.80 8.62
N ARG A 30 21.80 -6.08 9.20
CA ARG A 30 21.98 -5.42 10.47
C ARG A 30 22.31 -6.40 11.58
N TRP A 31 21.67 -7.55 11.57
CA TRP A 31 21.86 -8.53 12.63
C TRP A 31 23.28 -9.04 12.54
N ALA A 32 23.75 -9.30 11.33
CA ALA A 32 25.13 -9.88 11.14
C ALA A 32 26.16 -8.78 11.57
N LYS A 33 25.90 -7.54 11.21
CA LYS A 33 26.81 -6.39 11.58
C LYS A 33 26.91 -6.28 13.09
N LYS A 34 25.77 -6.30 13.78
CA LYS A 34 25.77 -6.30 15.24
C LYS A 34 26.62 -7.37 15.91
N GLN A 35 26.69 -8.56 15.31
CA GLN A 35 27.52 -9.69 15.75
C GLN A 35 29.02 -9.61 15.28
N GLY A 36 29.40 -8.65 14.46
CA GLY A 36 30.73 -8.61 13.85
C GLY A 36 30.92 -9.64 12.74
N LYS A 37 29.84 -10.07 12.09
CA LYS A 37 29.91 -11.09 11.03
C LYS A 37 29.60 -10.54 9.70
N ILE A 38 30.09 -11.21 8.67
CA ILE A 38 29.76 -10.79 7.32
C ILE A 38 28.27 -11.15 7.03
N ARG A 39 27.74 -10.48 6.00
CA ARG A 39 26.31 -10.57 5.60
C ARG A 39 25.81 -12.00 5.42
N ALA A 40 26.63 -12.88 4.84
CA ALA A 40 26.27 -14.34 4.78
C ALA A 40 25.84 -15.04 6.06
N PHE A 41 26.42 -14.64 7.21
CA PHE A 41 25.94 -15.23 8.43
C PHE A 41 24.52 -14.74 8.74
N GLY A 42 24.23 -13.52 8.34
CA GLY A 42 22.87 -12.91 8.55
C GLY A 42 21.88 -13.67 7.67
N HIS A 43 22.25 -13.99 6.46
CA HIS A 43 21.39 -14.77 5.60
C HIS A 43 21.12 -16.19 6.09
N LYS A 44 22.11 -16.87 6.59
CA LYS A 44 21.90 -18.17 7.21
C LYS A 44 21.02 -18.11 8.45
N ALA A 45 21.21 -17.08 9.30
CA ALA A 45 20.32 -16.95 10.46
C ALA A 45 18.86 -16.59 9.98
N GLY A 46 18.79 -15.73 8.96
CA GLY A 46 17.47 -15.37 8.34
C GLY A 46 16.75 -16.62 7.78
N ALA A 47 17.52 -17.51 7.16
CA ALA A 47 16.94 -18.81 6.72
C ALA A 47 16.40 -19.64 7.89
N LYS A 48 17.11 -19.73 9.03
CA LYS A 48 16.60 -20.42 10.19
C LYS A 48 15.29 -19.79 10.61
N SER A 49 15.25 -18.44 10.54
CA SER A 49 14.00 -17.76 10.96
C SER A 49 12.82 -18.03 9.99
N VAL A 50 13.10 -18.15 8.70
CA VAL A 50 12.03 -18.59 7.73
C VAL A 50 11.45 -19.96 8.10
N ARG A 51 12.35 -20.94 8.30
CA ARG A 51 11.85 -22.27 8.69
C ARG A 51 10.95 -22.21 9.92
N ARG A 52 11.38 -21.46 10.95
CA ARG A 52 10.64 -21.31 12.17
C ARG A 52 9.27 -20.64 11.94
N ALA A 53 9.22 -19.57 11.12
CA ALA A 53 7.95 -18.89 10.83
C ALA A 53 6.99 -19.77 10.01
N VAL A 54 7.55 -20.46 8.99
CA VAL A 54 6.78 -21.36 8.16
C VAL A 54 6.16 -22.44 9.06
N SER A 55 6.97 -23.06 9.92
CA SER A 55 6.46 -24.06 10.91
C SER A 55 5.38 -23.52 11.84
N PHE A 56 5.59 -22.32 12.38
CA PHE A 56 4.65 -21.66 13.26
C PHE A 56 3.32 -21.41 12.49
N ALA A 57 3.41 -20.87 11.28
CA ALA A 57 2.17 -20.50 10.54
C ALA A 57 1.38 -21.81 10.29
N ALA A 58 2.11 -22.83 9.91
CA ALA A 58 1.46 -24.11 9.51
C ALA A 58 0.77 -24.73 10.76
N ASN A 59 1.29 -24.47 11.95
CA ASN A 59 0.76 -25.07 13.18
C ASN A 59 -0.32 -24.25 13.79
N ASN A 60 -0.45 -23.02 13.31
CA ASN A 60 -1.41 -22.10 13.80
C ASN A 60 -2.61 -21.80 12.89
N GLY A 61 -2.92 -22.68 11.99
CA GLY A 61 -4.15 -22.48 11.25
C GLY A 61 -4.11 -21.46 10.12
N ILE A 62 -2.93 -20.89 9.80
CA ILE A 62 -2.90 -19.81 8.81
C ILE A 62 -3.04 -20.50 7.44
N GLU A 63 -3.86 -19.95 6.59
CA GLU A 63 -3.99 -20.47 5.23
C GLU A 63 -2.84 -20.19 4.29
N ALA A 64 -2.33 -18.94 4.35
CA ALA A 64 -1.29 -18.55 3.38
C ALA A 64 -0.31 -17.66 4.09
N LEU A 65 0.95 -17.87 3.73
CA LEU A 65 2.02 -16.98 4.25
C LEU A 65 2.73 -16.51 3.01
N THR A 66 2.97 -15.19 2.91
CA THR A 66 3.69 -14.68 1.74
C THR A 66 4.92 -13.98 2.29
N LEU A 67 6.11 -14.35 1.75
CA LEU A 67 7.43 -13.82 2.32
C LEU A 67 8.15 -13.02 1.30
N TYR A 68 8.60 -11.83 1.70
CA TYR A 68 9.36 -10.95 0.83
C TYR A 68 10.71 -10.77 1.46
N ALA A 69 11.70 -11.36 0.78
CA ALA A 69 13.09 -11.29 1.23
C ALA A 69 13.61 -9.94 0.77
N PHE A 70 14.04 -9.15 1.73
CA PHE A 70 14.42 -7.78 1.43
C PHE A 70 15.52 -7.51 2.43
N SER A 71 16.59 -6.85 2.00
CA SER A 71 17.56 -6.29 3.00
C SER A 71 17.70 -4.72 2.85
N SER A 72 17.48 -3.96 3.94
CA SER A 72 17.76 -2.51 3.91
C SER A 72 19.27 -2.31 3.68
N GLU A 73 20.09 -3.16 4.29
CA GLU A 73 21.54 -3.18 4.06
C GLU A 73 21.80 -3.71 2.67
N LEU A 85 21.82 -13.39 -6.37
CA LEU A 85 21.13 -12.18 -5.96
C LEU A 85 19.71 -12.53 -5.50
N MET A 86 18.70 -12.07 -6.12
CA MET A 86 17.36 -12.68 -5.99
C MET A 86 17.45 -14.17 -6.42
N GLU A 87 18.07 -14.41 -7.59
CA GLU A 87 18.28 -15.77 -8.18
C GLU A 87 19.02 -16.73 -7.22
N LEU A 88 19.94 -16.24 -6.42
CA LEU A 88 20.58 -17.15 -5.49
C LEU A 88 19.71 -17.53 -4.31
N PHE A 89 18.86 -16.62 -3.92
CA PHE A 89 17.90 -16.88 -2.89
C PHE A 89 17.01 -18.03 -3.33
N VAL A 90 16.58 -17.98 -4.57
CA VAL A 90 15.70 -19.01 -5.10
C VAL A 90 16.42 -20.37 -5.25
N TRP A 91 17.70 -20.38 -5.61
CA TRP A 91 18.50 -21.62 -5.57
C TRP A 91 18.54 -22.20 -4.20
N ALA A 92 18.86 -21.37 -3.20
CA ALA A 92 18.78 -21.74 -1.81
C ALA A 92 17.48 -22.39 -1.44
N LEU A 93 16.34 -21.80 -1.83
CA LEU A 93 15.04 -22.38 -1.53
C LEU A 93 14.87 -23.77 -2.19
N ASP A 94 15.52 -23.98 -3.35
CA ASP A 94 15.33 -25.26 -4.06
C ASP A 94 15.74 -26.40 -3.14
N SER A 95 16.72 -26.14 -2.27
CA SER A 95 17.10 -27.18 -1.33
C SER A 95 16.11 -27.37 -0.12
N GLU A 96 15.08 -26.52 -0.02
CA GLU A 96 14.08 -26.72 1.02
C GLU A 96 12.80 -27.41 0.52
N VAL A 97 12.70 -27.56 -0.79
CA VAL A 97 11.43 -27.96 -1.42
C VAL A 97 10.98 -29.36 -0.94
N LYS A 98 11.92 -30.29 -0.83
CA LYS A 98 11.54 -31.69 -0.36
C LYS A 98 10.96 -31.61 1.06
N SER A 99 11.62 -30.82 1.91
CA SER A 99 11.20 -30.70 3.27
C SER A 99 9.78 -30.02 3.43
N LEU A 100 9.56 -28.99 2.60
CA LEU A 100 8.25 -28.26 2.55
C LEU A 100 7.19 -29.30 2.15
N HIS A 101 7.52 -30.13 1.15
CA HIS A 101 6.58 -31.10 0.61
C HIS A 101 6.23 -32.06 1.65
N ARG A 102 7.22 -32.52 2.35
CA ARG A 102 7.05 -33.41 3.46
C ARG A 102 6.20 -32.82 4.63
N HIS A 103 6.10 -31.51 4.70
CA HIS A 103 5.32 -30.82 5.69
C HIS A 103 3.96 -30.38 5.17
N ASN A 104 3.59 -30.89 4.01
CA ASN A 104 2.29 -30.65 3.40
C ASN A 104 2.06 -29.17 3.02
N VAL A 105 3.16 -28.45 2.72
CA VAL A 105 3.11 -27.04 2.31
C VAL A 105 3.00 -26.97 0.80
N ARG A 106 2.04 -26.18 0.30
CA ARG A 106 1.91 -25.86 -1.12
C ARG A 106 2.78 -24.66 -1.48
N LEU A 107 3.85 -24.83 -2.29
CA LEU A 107 4.83 -23.76 -2.58
C LEU A 107 4.56 -23.02 -3.90
N ARG A 108 4.55 -21.68 -3.91
CA ARG A 108 4.42 -20.89 -5.14
C ARG A 108 5.42 -19.76 -5.09
N ILE A 109 5.98 -19.42 -6.26
CA ILE A 109 6.87 -18.31 -6.37
C ILE A 109 6.11 -17.18 -7.04
N ILE A 110 6.08 -15.95 -6.47
CA ILE A 110 5.37 -14.83 -7.14
C ILE A 110 6.46 -13.90 -7.55
N GLY A 111 6.34 -13.28 -8.70
CA GLY A 111 7.44 -12.37 -9.06
C GLY A 111 7.78 -12.61 -10.55
N ASP A 112 8.67 -11.78 -11.07
CA ASP A 112 8.99 -11.86 -12.49
C ASP A 112 10.26 -12.77 -12.64
N THR A 113 10.03 -14.04 -12.94
CA THR A 113 11.13 -15.00 -13.00
C THR A 113 11.44 -15.34 -14.48
N SER A 114 10.86 -14.56 -15.39
CA SER A 114 10.98 -14.87 -16.80
C SER A 114 12.39 -14.68 -17.38
N ARG A 115 13.26 -13.89 -16.73
CA ARG A 115 14.72 -13.73 -17.09
C ARG A 115 15.67 -14.56 -16.20
N PHE A 116 15.10 -15.40 -15.35
CA PHE A 116 15.88 -16.31 -14.54
C PHE A 116 16.58 -17.38 -15.40
N ASN A 117 17.72 -17.88 -14.90
CA ASN A 117 18.43 -19.03 -15.52
C ASN A 117 17.42 -20.14 -15.93
N SER A 118 17.54 -20.63 -17.16
CA SER A 118 16.59 -21.59 -17.78
C SER A 118 16.40 -22.85 -16.93
N ARG A 119 17.49 -23.27 -16.27
CA ARG A 119 17.47 -24.43 -15.37
C ARG A 119 16.58 -24.12 -14.15
N LEU A 120 16.76 -22.90 -13.62
CA LEU A 120 16.03 -22.41 -12.47
C LEU A 120 14.54 -22.32 -12.76
N GLN A 121 14.15 -21.78 -13.91
CA GLN A 121 12.74 -21.70 -14.27
C GLN A 121 12.14 -23.10 -14.31
N GLU A 122 12.93 -24.11 -14.74
CA GLU A 122 12.35 -25.45 -14.84
C GLU A 122 12.24 -26.01 -13.42
N ARG A 123 13.21 -25.70 -12.56
CA ARG A 123 13.19 -26.18 -11.16
C ARG A 123 12.02 -25.55 -10.34
N ILE A 124 11.75 -24.26 -10.61
CA ILE A 124 10.54 -23.59 -10.05
C ILE A 124 9.25 -24.31 -10.48
N ARG A 125 9.11 -24.54 -11.79
CA ARG A 125 7.90 -25.21 -12.28
C ARG A 125 7.65 -26.55 -11.65
N LYS A 126 8.70 -27.30 -11.49
CA LYS A 126 8.56 -28.69 -11.02
C LYS A 126 8.27 -28.63 -9.51
N SER A 127 8.86 -27.65 -8.81
CA SER A 127 8.64 -27.59 -7.33
C SER A 127 7.22 -27.16 -7.09
N GLU A 128 6.70 -26.26 -7.93
CA GLU A 128 5.32 -25.89 -7.83
C GLU A 128 4.39 -27.06 -8.16
N ALA A 129 4.68 -27.78 -9.24
CA ALA A 129 3.77 -28.88 -9.63
C ALA A 129 3.74 -29.98 -8.57
N LEU A 130 4.92 -30.29 -8.02
CA LEU A 130 5.15 -31.29 -6.94
C LEU A 130 4.31 -31.03 -5.71
N THR A 131 4.24 -29.75 -5.29
CA THR A 131 3.52 -29.44 -4.05
C THR A 131 2.13 -28.88 -4.25
N ALA A 132 1.65 -28.75 -5.51
CA ALA A 132 0.33 -28.10 -5.76
C ALA A 132 -0.86 -28.85 -5.11
N GLY A 133 -0.66 -30.14 -4.91
CA GLY A 133 -1.65 -31.02 -4.28
C GLY A 133 -1.72 -30.95 -2.78
N ASN A 134 -0.76 -30.23 -2.17
CA ASN A 134 -0.72 -30.17 -0.72
C ASN A 134 -1.81 -29.38 -0.11
N THR A 135 -2.27 -29.85 1.04
CA THR A 135 -3.40 -29.27 1.71
C THR A 135 -3.12 -28.42 2.97
N GLY A 136 -1.84 -28.22 3.29
CA GLY A 136 -1.53 -27.50 4.49
C GLY A 136 -1.32 -26.03 4.06
N LEU A 137 -0.43 -25.40 4.76
CA LEU A 137 -0.16 -23.97 4.43
C LEU A 137 0.17 -23.75 2.99
N THR A 138 -0.33 -22.64 2.43
CA THR A 138 0.17 -22.19 1.12
C THR A 138 1.31 -21.15 1.41
N LEU A 139 2.50 -21.42 0.89
CA LEU A 139 3.65 -20.48 1.10
C LEU A 139 4.00 -19.84 -0.21
N ASN A 140 3.90 -18.50 -0.28
CA ASN A 140 4.21 -17.78 -1.47
C ASN A 140 5.54 -17.06 -1.25
N ILE A 141 6.55 -17.31 -2.08
CA ILE A 141 7.83 -16.70 -1.91
C ILE A 141 7.97 -15.67 -3.00
N ALA A 142 8.20 -14.38 -2.63
CA ALA A 142 8.38 -13.35 -3.65
C ALA A 142 9.83 -13.37 -4.18
N ALA A 143 9.99 -13.50 -5.47
CA ALA A 143 11.34 -13.52 -6.06
C ALA A 143 11.27 -12.61 -7.26
N ASN A 144 12.03 -11.51 -7.20
CA ASN A 144 12.01 -10.48 -8.20
C ASN A 144 10.57 -9.96 -8.32
N TYR A 145 9.95 -9.72 -7.16
CA TYR A 145 8.56 -9.29 -7.08
C TYR A 145 8.55 -7.79 -6.85
N GLY A 146 7.59 -7.05 -7.47
CA GLY A 146 7.31 -5.70 -6.97
C GLY A 146 5.84 -5.48 -7.11
N GLY A 147 5.27 -4.70 -6.18
CA GLY A 147 3.82 -4.45 -6.19
C GLY A 147 3.36 -3.75 -7.52
N ARG A 148 4.18 -2.78 -7.99
CA ARG A 148 3.85 -2.09 -9.26
C ARG A 148 3.93 -3.06 -10.45
N TRP A 149 4.99 -3.87 -10.47
CA TRP A 149 5.11 -4.92 -11.50
C TRP A 149 3.91 -5.83 -11.55
N ASP A 150 3.39 -6.24 -10.37
CA ASP A 150 2.26 -7.16 -10.26
C ASP A 150 1.00 -6.52 -10.84
N ILE A 151 0.75 -5.24 -10.49
CA ILE A 151 -0.37 -4.52 -11.12
C ILE A 151 -0.17 -4.47 -12.67
N VAL A 152 1.03 -4.15 -13.11
CA VAL A 152 1.26 -4.00 -14.56
C VAL A 152 1.09 -5.31 -15.32
N GLN A 153 1.55 -6.41 -14.80
CA GLN A 153 1.35 -7.66 -15.54
C GLN A 153 -0.15 -7.99 -15.64
N GLY A 154 -0.92 -7.62 -14.61
CA GLY A 154 -2.41 -7.86 -14.57
C GLY A 154 -3.02 -7.00 -15.69
N VAL A 155 -2.51 -5.76 -15.81
CA VAL A 155 -3.02 -4.79 -16.78
C VAL A 155 -2.71 -5.29 -18.22
N ARG A 156 -1.50 -5.80 -18.40
CA ARG A 156 -1.16 -6.42 -19.71
C ARG A 156 -2.01 -7.60 -20.08
N GLN A 157 -2.39 -8.45 -19.13
CA GLN A 157 -3.27 -9.59 -19.46
C GLN A 157 -4.64 -9.02 -19.91
N LEU A 158 -5.14 -8.01 -19.18
CA LEU A 158 -6.36 -7.32 -19.60
C LEU A 158 -6.24 -6.65 -21.00
N ALA A 159 -5.11 -6.02 -21.26
CA ALA A 159 -5.01 -5.27 -22.53
C ALA A 159 -4.97 -6.30 -23.67
N GLU A 160 -4.33 -7.43 -23.43
CA GLU A 160 -4.36 -8.51 -24.48
C GLU A 160 -5.75 -8.96 -24.77
N LYS A 161 -6.62 -9.07 -23.75
CA LYS A 161 -7.96 -9.49 -23.98
C LYS A 161 -8.74 -8.39 -24.70
N VAL A 162 -8.36 -7.15 -24.51
CA VAL A 162 -9.04 -6.09 -25.24
C VAL A 162 -8.60 -6.16 -26.70
N GLN A 163 -7.30 -6.32 -26.97
CA GLN A 163 -6.78 -6.36 -28.36
C GLN A 163 -7.31 -7.56 -29.19
N GLN A 164 -7.56 -8.71 -28.58
CA GLN A 164 -8.30 -9.79 -29.27
C GLN A 164 -9.83 -9.58 -29.45
N GLY A 165 -10.41 -8.49 -28.95
CA GLY A 165 -11.82 -8.20 -29.07
C GLY A 165 -12.65 -9.00 -28.06
N ASN A 166 -12.02 -9.65 -27.09
CA ASN A 166 -12.79 -10.32 -26.04
C ASN A 166 -13.34 -9.45 -24.88
N LEU A 167 -12.65 -8.36 -24.61
CA LEU A 167 -12.96 -7.52 -23.47
C LEU A 167 -13.22 -6.08 -23.89
N GLN A 168 -14.26 -5.49 -23.32
CA GLN A 168 -14.52 -4.07 -23.57
C GLN A 168 -13.88 -3.22 -22.44
N PRO A 169 -13.20 -2.12 -22.79
CA PRO A 169 -12.59 -1.28 -21.77
C PRO A 169 -13.58 -0.92 -20.64
N ASP A 170 -14.84 -0.67 -20.97
CA ASP A 170 -15.84 -0.29 -19.99
C ASP A 170 -16.27 -1.43 -19.07
N GLN A 171 -15.90 -2.67 -19.41
CA GLN A 171 -16.28 -3.78 -18.52
C GLN A 171 -15.21 -3.93 -17.46
N ILE A 172 -14.10 -3.22 -17.61
CA ILE A 172 -12.99 -3.34 -16.60
C ILE A 172 -13.34 -2.62 -15.26
N ASP A 173 -13.44 -3.37 -14.20
CA ASP A 173 -13.70 -2.83 -12.91
C ASP A 173 -12.67 -3.34 -11.91
N GLU A 174 -12.83 -2.96 -10.66
CA GLU A 174 -11.89 -3.45 -9.62
C GLU A 174 -11.86 -4.96 -9.52
N GLU A 175 -13.06 -5.56 -9.53
CA GLU A 175 -13.19 -6.99 -9.41
C GLU A 175 -12.42 -7.65 -10.53
N MET A 176 -12.47 -7.09 -11.72
CA MET A 176 -11.82 -7.79 -12.81
C MET A 176 -10.32 -7.67 -12.67
N LEU A 177 -9.85 -6.46 -12.36
CA LEU A 177 -8.37 -6.35 -12.21
C LEU A 177 -7.87 -7.21 -11.04
N ASN A 178 -8.70 -7.33 -9.99
CA ASN A 178 -8.41 -8.16 -8.80
C ASN A 178 -8.10 -9.63 -9.21
N GLN A 179 -8.89 -10.11 -10.18
CA GLN A 179 -8.76 -11.48 -10.70
C GLN A 179 -7.52 -11.65 -11.52
N HIS A 180 -6.81 -10.59 -11.84
CA HIS A 180 -5.56 -10.77 -12.58
C HIS A 180 -4.24 -10.45 -11.84
N VAL A 181 -4.28 -10.09 -10.56
CA VAL A 181 -3.02 -9.80 -9.83
C VAL A 181 -2.65 -11.11 -9.06
N CYS A 182 -1.41 -11.18 -8.59
CA CYS A 182 -0.92 -12.40 -7.89
C CYS A 182 -1.76 -12.63 -6.66
N MET A 183 -1.95 -13.92 -6.39
CA MET A 183 -2.66 -14.40 -5.21
C MET A 183 -4.15 -14.18 -5.15
N HIS A 184 -4.76 -13.79 -6.28
CA HIS A 184 -6.19 -13.46 -6.21
C HIS A 184 -7.10 -14.61 -5.77
N GLU A 185 -6.59 -15.85 -5.96
CA GLU A 185 -7.42 -17.04 -5.63
C GLU A 185 -7.26 -17.45 -4.17
N LEU A 186 -6.34 -16.78 -3.47
CA LEU A 186 -6.22 -17.02 -2.00
C LEU A 186 -6.98 -16.03 -1.17
N ALA A 187 -7.06 -16.29 0.14
CA ALA A 187 -7.77 -15.34 1.04
C ALA A 187 -7.06 -13.99 0.89
N PRO A 188 -7.79 -12.89 0.97
CA PRO A 188 -7.10 -11.59 1.01
C PRO A 188 -6.05 -11.51 2.15
N VAL A 189 -5.04 -10.69 1.95
CA VAL A 189 -4.03 -10.52 3.04
C VAL A 189 -4.61 -9.75 4.19
N ASP A 190 -4.56 -10.28 5.38
CA ASP A 190 -5.21 -9.72 6.57
C ASP A 190 -4.19 -8.87 7.31
N LEU A 191 -2.95 -9.28 7.27
CA LEU A 191 -1.89 -8.68 8.13
C LEU A 191 -0.53 -8.65 7.39
N VAL A 192 0.14 -7.49 7.39
CA VAL A 192 1.52 -7.42 6.83
C VAL A 192 2.44 -7.12 8.00
N ILE A 193 3.45 -7.92 8.23
CA ILE A 193 4.41 -7.68 9.33
C ILE A 193 5.70 -7.19 8.63
N ARG A 194 6.30 -6.11 9.11
CA ARG A 194 7.65 -5.81 8.60
C ARG A 194 8.65 -5.76 9.80
N THR A 195 9.69 -6.61 9.79
CA THR A 195 10.70 -6.59 10.82
C THR A 195 11.77 -5.61 10.41
N GLY A 196 12.60 -5.23 11.39
CA GLY A 196 13.86 -4.56 10.99
C GLY A 196 13.81 -3.06 11.25
N GLY A 197 12.67 -2.60 11.67
CA GLY A 197 12.47 -1.22 12.11
C GLY A 197 12.06 -0.18 11.07
N GLU A 198 12.03 -0.45 9.75
CA GLU A 198 11.61 0.61 8.79
C GLU A 198 10.09 0.56 8.66
N HIS A 199 9.49 1.73 8.41
CA HIS A 199 8.01 1.82 8.34
C HIS A 199 7.80 2.20 6.88
N ARG A 200 7.64 1.19 6.06
CA ARG A 200 7.42 1.40 4.62
C ARG A 200 7.13 0.06 3.97
N ILE A 201 6.44 0.14 2.85
CA ILE A 201 6.11 -1.08 2.07
C ILE A 201 7.19 -1.49 1.11
N SER A 202 8.01 -0.54 0.68
CA SER A 202 9.15 -0.86 -0.28
C SER A 202 8.69 -1.67 -1.48
N ASN A 203 7.51 -1.32 -2.02
CA ASN A 203 7.00 -1.84 -3.29
C ASN A 203 6.86 -3.38 -3.18
N PHE A 204 6.48 -3.84 -1.98
CA PHE A 204 5.96 -5.18 -1.85
C PHE A 204 4.47 -4.99 -2.18
N LEU A 205 3.62 -5.93 -1.82
CA LEU A 205 2.22 -5.89 -2.19
C LEU A 205 1.49 -4.58 -2.10
N LEU A 206 0.88 -4.09 -3.16
CA LEU A 206 0.23 -2.81 -3.08
C LEU A 206 -1.27 -2.81 -3.35
N TRP A 207 -1.71 -3.64 -4.25
CA TRP A 207 -3.14 -3.66 -4.59
C TRP A 207 -3.72 -4.47 -3.50
N GLN A 208 -2.95 -5.49 -3.08
CA GLN A 208 -3.51 -6.52 -2.18
C GLN A 208 -3.51 -6.05 -0.75
N ILE A 209 -2.87 -4.94 -0.44
CA ILE A 209 -2.89 -4.53 0.95
C ILE A 209 -3.79 -3.35 1.30
N ALA A 210 -4.72 -3.08 0.42
CA ALA A 210 -5.67 -1.95 0.58
C ALA A 210 -6.35 -1.94 1.92
N TYR A 211 -6.67 -3.13 2.46
CA TYR A 211 -7.40 -3.22 3.73
C TYR A 211 -6.64 -3.96 4.82
N ALA A 212 -5.37 -4.27 4.59
CA ALA A 212 -4.62 -5.15 5.55
C ALA A 212 -4.22 -4.36 6.78
N GLU A 213 -4.15 -5.04 7.93
CA GLU A 213 -3.51 -4.46 9.14
C GLU A 213 -1.96 -4.41 8.89
N LEU A 214 -1.26 -3.31 9.24
CA LEU A 214 0.20 -3.23 9.02
C LEU A 214 0.83 -3.25 10.43
N TYR A 215 1.81 -4.12 10.60
CA TYR A 215 2.43 -4.28 11.95
C TYR A 215 3.94 -4.13 11.70
N PHE A 216 4.54 -3.12 12.31
CA PHE A 216 5.95 -2.87 12.15
C PHE A 216 6.60 -3.24 13.48
N THR A 217 7.71 -3.97 13.43
CA THR A 217 8.45 -4.23 14.68
C THR A 217 9.94 -3.98 14.45
N ASP A 218 10.64 -3.43 15.49
CA ASP A 218 12.08 -3.22 15.38
C ASP A 218 12.90 -4.51 15.46
N VAL A 219 12.27 -5.63 15.83
CA VAL A 219 13.00 -6.91 15.91
C VAL A 219 13.63 -7.26 14.57
N LEU A 220 14.90 -7.64 14.53
CA LEU A 220 15.52 -7.96 13.25
C LEU A 220 15.04 -9.37 12.84
N TRP A 221 14.92 -9.61 11.51
CA TRP A 221 14.40 -10.88 10.98
C TRP A 221 14.97 -12.16 11.65
N PRO A 222 16.32 -12.25 11.77
CA PRO A 222 16.82 -13.49 12.35
C PRO A 222 16.34 -13.73 13.81
N ASP A 223 16.02 -12.68 14.54
CA ASP A 223 15.53 -12.78 15.93
C ASP A 223 14.02 -12.94 16.07
N PHE A 224 13.27 -12.79 14.98
CA PHE A 224 11.83 -12.81 15.01
C PHE A 224 11.39 -14.24 15.23
N ASP A 225 10.85 -14.57 16.40
CA ASP A 225 10.56 -15.96 16.77
C ASP A 225 9.10 -16.23 17.08
N GLU A 226 8.75 -17.47 17.37
CA GLU A 226 7.31 -17.75 17.61
C GLU A 226 6.54 -16.80 18.48
N GLN A 227 7.13 -16.32 19.60
CA GLN A 227 6.44 -15.39 20.47
C GLN A 227 6.26 -14.04 19.75
N ASP A 228 7.22 -13.62 18.93
CA ASP A 228 6.98 -12.41 18.13
C ASP A 228 5.81 -12.57 17.14
N PHE A 229 5.73 -13.73 16.50
CA PHE A 229 4.70 -13.99 15.48
C PHE A 229 3.34 -14.11 16.22
N GLU A 230 3.38 -14.72 17.41
CA GLU A 230 2.11 -14.81 18.22
C GLU A 230 1.73 -13.43 18.55
N GLY A 231 2.68 -12.54 18.86
CA GLY A 231 2.31 -11.22 19.24
C GLY A 231 1.70 -10.38 18.15
N ALA A 232 2.26 -10.47 16.94
CA ALA A 232 1.62 -9.87 15.75
C ALA A 232 0.18 -10.42 15.51
N LEU A 233 -0.02 -11.72 15.58
CA LEU A 233 -1.35 -12.30 15.34
C LEU A 233 -2.34 -11.80 16.38
N ASN A 234 -1.90 -11.71 17.63
CA ASN A 234 -2.83 -11.34 18.69
C ASN A 234 -3.07 -9.82 18.64
N ALA A 235 -2.08 -9.07 18.21
CA ALA A 235 -2.37 -7.66 17.91
C ALA A 235 -3.42 -7.47 16.76
N PHE A 236 -3.41 -8.31 15.73
CA PHE A 236 -4.39 -8.28 14.67
C PHE A 236 -5.78 -8.68 15.28
N ALA A 237 -5.77 -9.74 16.08
CA ALA A 237 -7.06 -10.23 16.68
C ALA A 237 -7.69 -9.11 17.54
N ASN A 238 -6.86 -8.36 18.23
CA ASN A 238 -7.28 -7.33 19.22
C ASN A 238 -7.66 -6.04 18.52
N ARG A 239 -7.18 -5.85 17.32
CA ARG A 239 -7.44 -4.62 16.61
C ARG A 239 -8.49 -4.77 15.56
N GLU A 240 -8.67 -6.01 15.14
CA GLU A 240 -9.79 -6.56 14.39
C GLU A 240 -9.49 -7.34 13.11
N GLY B 17 14.40 16.23 2.95
CA GLY B 17 13.31 17.21 2.69
C GLY B 17 12.07 16.42 2.33
N CYS B 18 11.01 16.67 3.05
CA CYS B 18 9.80 15.96 2.79
C CYS B 18 9.02 16.83 1.76
N ARG B 19 8.78 16.36 0.51
CA ARG B 19 8.15 17.22 -0.53
C ARG B 19 6.62 17.08 -0.61
N HIS B 20 6.12 15.87 -0.35
CA HIS B 20 4.69 15.60 -0.54
C HIS B 20 4.24 14.71 0.63
N VAL B 21 3.30 15.23 1.39
CA VAL B 21 2.75 14.54 2.55
C VAL B 21 1.32 14.19 2.22
N ALA B 22 0.89 12.98 2.58
CA ALA B 22 -0.54 12.62 2.46
C ALA B 22 -1.05 12.24 3.87
N ILE B 23 -2.28 12.61 4.18
CA ILE B 23 -2.84 12.33 5.50
C ILE B 23 -4.19 11.69 5.41
N ILE B 24 -4.36 10.60 6.16
CA ILE B 24 -5.68 9.98 6.33
C ILE B 24 -6.23 10.58 7.62
N MET B 25 -7.27 11.37 7.50
CA MET B 25 -7.66 12.28 8.60
C MET B 25 -8.72 11.57 9.46
N ASP B 26 -8.36 10.52 10.17
CA ASP B 26 -9.41 9.75 10.85
C ASP B 26 -9.46 10.24 12.32
N GLY B 27 -10.65 10.05 12.90
CA GLY B 27 -10.90 10.33 14.31
C GLY B 27 -11.90 11.38 14.64
N ASN B 28 -12.52 12.00 13.63
CA ASN B 28 -13.41 13.10 13.99
C ASN B 28 -14.67 12.55 14.80
N GLY B 29 -15.22 11.39 14.44
CA GLY B 29 -16.40 10.88 15.10
C GLY B 29 -16.06 10.39 16.50
N ARG B 30 -14.95 9.69 16.66
CA ARG B 30 -14.46 9.28 17.96
C ARG B 30 -14.20 10.50 18.84
N TRP B 31 -13.64 11.55 18.25
CA TRP B 31 -13.39 12.81 19.00
C TRP B 31 -14.65 13.44 19.53
N ALA B 32 -15.67 13.46 18.68
CA ALA B 32 -17.00 14.05 19.04
C ALA B 32 -17.56 13.28 20.28
N LYS B 33 -17.48 11.99 20.20
CA LYS B 33 -18.06 11.13 21.23
C LYS B 33 -17.33 11.36 22.57
N LYS B 34 -15.98 11.35 22.55
CA LYS B 34 -15.19 11.71 23.73
C LYS B 34 -15.51 13.09 24.31
N GLN B 35 -15.89 14.08 23.47
CA GLN B 35 -16.23 15.42 23.94
C GLN B 35 -17.69 15.48 24.46
N GLY B 36 -18.39 14.35 24.46
CA GLY B 36 -19.84 14.30 24.75
C GLY B 36 -20.71 15.12 23.80
N LYS B 37 -20.37 15.21 22.50
CA LYS B 37 -21.11 16.04 21.53
C LYS B 37 -21.57 15.21 20.33
N ILE B 38 -22.52 15.72 19.53
CA ILE B 38 -23.02 14.98 18.34
C ILE B 38 -21.88 14.93 17.25
N ARG B 39 -21.93 13.91 16.37
CA ARG B 39 -20.93 13.76 15.26
C ARG B 39 -20.63 15.08 14.49
N ALA B 40 -21.65 15.89 14.18
CA ALA B 40 -21.46 17.23 13.53
C ALA B 40 -20.39 18.14 14.15
N PHE B 41 -20.37 18.19 15.49
CA PHE B 41 -19.36 18.95 16.22
C PHE B 41 -17.94 18.51 15.83
N GLY B 42 -17.78 17.19 15.62
CA GLY B 42 -16.49 16.58 15.33
C GLY B 42 -16.10 17.04 13.94
N HIS B 43 -17.05 17.12 12.99
CA HIS B 43 -16.74 17.66 11.66
C HIS B 43 -16.17 19.04 11.68
N LYS B 44 -16.79 19.90 12.47
CA LYS B 44 -16.37 21.29 12.53
C LYS B 44 -14.99 21.42 13.19
N ALA B 45 -14.68 20.59 14.20
CA ALA B 45 -13.32 20.62 14.77
C ALA B 45 -12.22 20.04 13.75
N GLY B 46 -12.63 19.05 13.01
CA GLY B 46 -11.84 18.41 11.89
C GLY B 46 -11.56 19.48 10.87
N ALA B 47 -12.56 20.33 10.54
CA ALA B 47 -12.31 21.40 9.58
C ALA B 47 -11.25 22.40 10.06
N LYS B 48 -11.28 22.74 11.36
CA LYS B 48 -10.24 23.60 11.93
C LYS B 48 -8.90 22.96 11.85
N SER B 49 -8.88 21.66 12.01
CA SER B 49 -7.62 21.02 11.94
C SER B 49 -7.06 20.94 10.47
N VAL B 50 -7.97 20.82 9.49
CA VAL B 50 -7.61 21.02 8.08
C VAL B 50 -6.90 22.38 7.87
N ARG B 51 -7.53 23.47 8.27
CA ARG B 51 -6.90 24.75 8.07
C ARG B 51 -5.51 24.86 8.66
N ARG B 52 -5.39 24.41 9.91
CA ARG B 52 -4.07 24.44 10.61
C ARG B 52 -3.03 23.63 9.85
N ALA B 53 -3.40 22.43 9.30
CA ALA B 53 -2.42 21.59 8.65
C ALA B 53 -1.99 22.19 7.31
N VAL B 54 -2.99 22.80 6.61
CA VAL B 54 -2.72 23.42 5.33
C VAL B 54 -1.80 24.62 5.53
N SER B 55 -2.09 25.38 6.57
CA SER B 55 -1.19 26.52 6.89
C SER B 55 0.17 26.06 7.22
N PHE B 56 0.28 25.06 8.08
CA PHE B 56 1.59 24.56 8.47
C PHE B 56 2.36 24.04 7.28
N ALA B 57 1.71 23.27 6.38
CA ALA B 57 2.45 22.79 5.25
C ALA B 57 2.95 23.96 4.34
N ALA B 58 2.09 24.95 4.15
CA ALA B 58 2.40 26.10 3.23
C ALA B 58 3.59 26.86 3.87
N ASN B 59 3.55 26.98 5.17
CA ASN B 59 4.63 27.69 5.93
C ASN B 59 6.00 27.01 6.02
N ASN B 60 6.04 25.69 5.83
CA ASN B 60 7.21 24.88 5.96
C ASN B 60 7.79 24.34 4.65
N GLY B 61 7.34 24.91 3.52
CA GLY B 61 7.83 24.66 2.18
C GLY B 61 7.51 23.27 1.63
N ILE B 62 6.52 22.62 2.23
CA ILE B 62 6.07 21.34 1.64
C ILE B 62 5.42 21.70 0.28
N GLU B 63 5.79 20.95 -0.74
CA GLU B 63 5.22 21.17 -2.07
C GLU B 63 3.77 20.75 -2.30
N ALA B 64 3.42 19.61 -1.73
CA ALA B 64 2.10 19.04 -1.98
C ALA B 64 1.59 18.38 -0.70
N LEU B 65 0.31 18.62 -0.45
CA LEU B 65 -0.39 18.03 0.68
C LEU B 65 -1.63 17.33 0.16
N THR B 66 -1.82 16.00 0.47
CA THR B 66 -2.96 15.28 -0.10
C THR B 66 -3.80 14.75 1.13
N LEU B 67 -5.06 15.17 1.24
CA LEU B 67 -5.87 14.95 2.47
C LEU B 67 -7.01 13.99 2.13
N TYR B 68 -7.12 12.92 2.90
CA TYR B 68 -8.18 11.94 2.65
C TYR B 68 -9.16 12.06 3.81
N ALA B 69 -10.36 12.50 3.50
CA ALA B 69 -11.40 12.60 4.54
C ALA B 69 -11.95 11.20 4.69
N PHE B 70 -11.85 10.72 5.90
CA PHE B 70 -12.17 9.35 6.15
C PHE B 70 -12.65 9.22 7.56
N SER B 71 -13.60 8.38 7.84
CA SER B 71 -13.91 8.20 9.24
C SER B 71 -14.15 6.79 9.53
N SER B 72 -13.47 6.23 10.52
CA SER B 72 -13.51 4.79 10.76
C SER B 72 -14.91 4.31 10.96
N LEU B 85 -22.10 12.42 1.74
CA LEU B 85 -21.29 12.83 2.88
C LEU B 85 -20.00 13.46 2.38
N MET B 86 -19.45 12.84 1.36
CA MET B 86 -18.33 13.37 0.58
C MET B 86 -18.71 14.66 -0.21
N GLU B 87 -19.80 14.63 -1.01
CA GLU B 87 -20.42 15.91 -1.53
C GLU B 87 -20.38 17.10 -0.63
N LEU B 88 -20.90 16.92 0.57
CA LEU B 88 -21.01 17.92 1.58
C LEU B 88 -19.69 18.38 2.08
N PHE B 89 -18.67 17.56 1.95
CA PHE B 89 -17.46 17.83 2.72
C PHE B 89 -16.85 18.81 1.65
N VAL B 90 -17.01 18.42 0.39
CA VAL B 90 -16.53 19.28 -0.71
C VAL B 90 -17.31 20.61 -0.71
N TRP B 91 -18.60 20.58 -0.43
CA TRP B 91 -19.34 21.81 -0.37
C TRP B 91 -18.74 22.72 0.63
N ALA B 92 -18.44 22.21 1.81
CA ALA B 92 -17.86 23.01 2.88
C ALA B 92 -16.54 23.65 2.44
N LEU B 93 -15.85 23.02 1.52
CA LEU B 93 -14.61 23.58 1.00
C LEU B 93 -14.83 24.75 0.08
N ASP B 94 -15.95 24.74 -0.58
CA ASP B 94 -16.25 25.84 -1.48
C ASP B 94 -15.99 27.20 -0.89
N SER B 95 -16.37 27.48 0.37
CA SER B 95 -16.15 28.83 0.93
C SER B 95 -14.70 29.18 1.31
N GLU B 96 -13.78 28.21 1.23
CA GLU B 96 -12.36 28.45 1.54
C GLU B 96 -11.56 28.80 0.31
N VAL B 97 -12.15 28.60 -0.88
CA VAL B 97 -11.41 28.77 -2.12
C VAL B 97 -10.78 30.17 -2.27
N LYS B 98 -11.53 31.20 -1.93
CA LYS B 98 -10.97 32.56 -2.17
C LYS B 98 -9.68 32.77 -1.37
N SER B 99 -9.70 32.30 -0.14
CA SER B 99 -8.55 32.34 0.77
C SER B 99 -7.41 31.51 0.28
N LEU B 100 -7.69 30.29 -0.20
CA LEU B 100 -6.56 29.49 -0.71
C LEU B 100 -5.87 30.17 -1.89
N HIS B 101 -6.65 30.68 -2.82
CA HIS B 101 -6.14 31.38 -3.98
C HIS B 101 -5.27 32.55 -3.56
N ARG B 102 -5.74 33.31 -2.61
CA ARG B 102 -4.94 34.46 -2.15
C ARG B 102 -3.58 34.04 -1.59
N HIS B 103 -3.54 32.82 -1.02
CA HIS B 103 -2.31 32.25 -0.49
C HIS B 103 -1.50 31.44 -1.45
N ASN B 104 -1.77 31.59 -2.77
CA ASN B 104 -0.99 30.97 -3.87
C ASN B 104 -1.07 29.42 -3.75
N VAL B 105 -2.20 28.93 -3.26
CA VAL B 105 -2.43 27.44 -3.18
C VAL B 105 -3.13 26.92 -4.48
N ARG B 106 -2.60 25.85 -5.05
CA ARG B 106 -3.24 25.22 -6.22
C ARG B 106 -4.16 24.11 -5.65
N LEU B 107 -5.47 24.20 -5.85
CA LEU B 107 -6.40 23.25 -5.29
C LEU B 107 -6.81 22.22 -6.33
N ARG B 108 -6.73 20.94 -5.97
CA ARG B 108 -7.26 19.86 -6.83
C ARG B 108 -8.12 18.92 -6.06
N ILE B 109 -9.21 18.45 -6.70
CA ILE B 109 -10.01 17.38 -6.09
C ILE B 109 -9.64 16.09 -6.81
N ILE B 110 -9.31 15.05 -6.07
CA ILE B 110 -9.01 13.72 -6.69
C ILE B 110 -10.06 12.74 -6.27
N GLY B 111 -10.49 11.86 -7.18
CA GLY B 111 -11.55 10.91 -6.80
C GLY B 111 -12.70 10.99 -7.81
N ASP B 112 -13.70 10.16 -7.62
CA ASP B 112 -14.68 9.97 -8.66
C ASP B 112 -15.89 10.92 -8.31
N THR B 113 -15.84 12.09 -8.91
CA THR B 113 -16.84 13.14 -8.70
C THR B 113 -17.91 13.12 -9.82
N SER B 114 -17.88 12.07 -10.66
CA SER B 114 -18.67 12.09 -11.90
C SER B 114 -20.15 11.81 -11.60
N ARG B 115 -20.49 11.36 -10.40
CA ARG B 115 -21.88 11.28 -10.05
C ARG B 115 -22.28 12.33 -8.96
N PHE B 116 -21.44 13.34 -8.69
CA PHE B 116 -21.84 14.43 -7.82
C PHE B 116 -22.88 15.29 -8.56
N ASN B 117 -23.72 16.02 -7.86
CA ASN B 117 -24.63 16.88 -8.63
C ASN B 117 -23.89 17.89 -9.51
N SER B 118 -24.53 18.28 -10.62
CA SER B 118 -23.78 18.90 -11.68
C SER B 118 -23.40 20.30 -11.26
N ARG B 119 -24.17 20.86 -10.33
CA ARG B 119 -23.83 22.17 -9.84
C ARG B 119 -22.51 22.10 -9.04
N LEU B 120 -22.42 21.14 -8.15
CA LEU B 120 -21.13 20.91 -7.38
C LEU B 120 -19.97 20.62 -8.33
N GLN B 121 -20.20 19.80 -9.37
CA GLN B 121 -19.11 19.50 -10.30
C GLN B 121 -18.60 20.76 -10.98
N GLU B 122 -19.52 21.67 -11.30
CA GLU B 122 -19.15 22.95 -11.96
C GLU B 122 -18.37 23.79 -11.01
N ARG B 123 -18.74 23.83 -9.77
CA ARG B 123 -17.95 24.61 -8.76
C ARG B 123 -16.55 24.07 -8.54
N ILE B 124 -16.45 22.73 -8.52
CA ILE B 124 -15.11 22.10 -8.41
C ILE B 124 -14.27 22.52 -9.60
N ARG B 125 -14.86 22.45 -10.82
CA ARG B 125 -14.10 22.75 -12.01
C ARG B 125 -13.66 24.20 -11.96
N LYS B 126 -14.57 25.08 -11.53
CA LYS B 126 -14.28 26.54 -11.42
C LYS B 126 -13.15 26.85 -10.39
N SER B 127 -13.21 26.22 -9.22
CA SER B 127 -12.11 26.35 -8.24
C SER B 127 -10.80 25.83 -8.67
N GLU B 128 -10.79 24.67 -9.31
CA GLU B 128 -9.54 24.16 -9.83
C GLU B 128 -8.98 25.08 -10.89
N ALA B 129 -9.85 25.57 -11.77
CA ALA B 129 -9.28 26.42 -12.85
C ALA B 129 -8.78 27.78 -12.30
N LEU B 130 -9.47 28.31 -11.35
CA LEU B 130 -9.06 29.56 -10.70
C LEU B 130 -7.66 29.48 -10.15
N THR B 131 -7.39 28.34 -9.48
CA THR B 131 -6.11 28.21 -8.78
C THR B 131 -5.01 27.49 -9.58
N ALA B 132 -5.32 27.00 -10.79
CA ALA B 132 -4.47 26.01 -11.51
C ALA B 132 -3.07 26.58 -11.81
N GLY B 133 -3.05 27.88 -11.93
CA GLY B 133 -1.85 28.69 -12.18
C GLY B 133 -1.00 28.98 -10.96
N ASN B 134 -1.47 28.61 -9.76
CA ASN B 134 -0.77 29.05 -8.48
C ASN B 134 0.53 28.26 -8.30
N THR B 135 1.55 28.82 -7.65
CA THR B 135 2.83 28.10 -7.65
C THR B 135 3.29 27.84 -6.24
N GLY B 136 2.41 27.98 -5.24
CA GLY B 136 2.71 27.53 -3.89
C GLY B 136 2.33 26.09 -3.63
N LEU B 137 1.79 25.82 -2.45
CA LEU B 137 1.48 24.44 -2.04
C LEU B 137 0.41 23.94 -3.00
N THR B 138 0.52 22.71 -3.48
CA THR B 138 -0.63 22.09 -4.16
C THR B 138 -1.38 21.27 -3.13
N LEU B 139 -2.63 21.56 -2.97
CA LEU B 139 -3.46 20.86 -1.99
C LEU B 139 -4.40 19.94 -2.80
N ASN B 140 -4.32 18.63 -2.54
CA ASN B 140 -5.20 17.66 -3.22
C ASN B 140 -6.17 17.16 -2.18
N ILE B 141 -7.45 17.35 -2.45
CA ILE B 141 -8.48 16.86 -1.52
C ILE B 141 -9.09 15.60 -2.13
N ALA B 142 -8.93 14.47 -1.46
CA ALA B 142 -9.44 13.25 -2.07
C ALA B 142 -10.93 13.13 -1.72
N ALA B 143 -11.82 13.13 -2.72
CA ALA B 143 -13.30 13.11 -2.58
C ALA B 143 -13.89 11.94 -3.33
N ASN B 144 -14.46 11.00 -2.54
CA ASN B 144 -14.99 9.76 -3.09
C ASN B 144 -13.80 9.12 -3.86
N TYR B 145 -12.64 9.05 -3.21
CA TYR B 145 -11.45 8.52 -3.83
C TYR B 145 -11.18 7.08 -3.28
N GLY B 146 -10.58 6.25 -4.08
CA GLY B 146 -10.11 4.95 -3.56
C GLY B 146 -8.89 4.60 -4.39
N GLY B 147 -7.86 4.06 -3.72
CA GLY B 147 -6.68 3.75 -4.43
C GLY B 147 -6.86 2.70 -5.59
N ARG B 148 -7.70 1.69 -5.35
CA ARG B 148 -7.99 0.69 -6.39
C ARG B 148 -8.76 1.36 -7.58
N TRP B 149 -9.72 2.19 -7.25
CA TRP B 149 -10.41 3.04 -8.23
C TRP B 149 -9.48 3.83 -9.11
N ASP B 150 -8.45 4.43 -8.51
CA ASP B 150 -7.53 5.32 -9.17
C ASP B 150 -6.76 4.49 -10.20
N ILE B 151 -6.26 3.35 -9.73
CA ILE B 151 -5.55 2.45 -10.66
C ILE B 151 -6.50 2.03 -11.83
N VAL B 152 -7.73 1.60 -11.52
CA VAL B 152 -8.74 1.11 -12.50
C VAL B 152 -9.06 2.23 -13.52
N GLN B 153 -9.15 3.50 -13.07
CA GLN B 153 -9.43 4.54 -14.05
C GLN B 153 -8.30 4.71 -15.00
N GLY B 154 -7.05 4.65 -14.52
CA GLY B 154 -5.90 4.66 -15.38
C GLY B 154 -5.87 3.39 -16.29
N VAL B 155 -6.26 2.23 -15.78
CA VAL B 155 -6.30 1.01 -16.64
C VAL B 155 -7.38 1.15 -17.75
N ARG B 156 -8.57 1.64 -17.38
CA ARG B 156 -9.61 1.93 -18.40
C ARG B 156 -9.10 2.83 -19.55
N GLN B 157 -8.35 3.87 -19.21
CA GLN B 157 -7.72 4.69 -20.22
C GLN B 157 -6.79 3.98 -21.12
N LEU B 158 -5.86 3.18 -20.58
CA LEU B 158 -4.95 2.37 -21.40
C LEU B 158 -5.76 1.41 -22.30
N ALA B 159 -6.81 0.82 -21.74
CA ALA B 159 -7.65 -0.14 -22.47
C ALA B 159 -8.29 0.60 -23.66
N GLU B 160 -8.81 1.84 -23.45
CA GLU B 160 -9.39 2.62 -24.60
C GLU B 160 -8.33 2.77 -25.68
N LYS B 161 -7.10 3.14 -25.28
CA LYS B 161 -5.97 3.26 -26.25
C LYS B 161 -5.63 1.99 -27.02
N VAL B 162 -5.69 0.84 -26.35
CA VAL B 162 -5.44 -0.44 -27.04
C VAL B 162 -6.59 -0.69 -28.03
N GLN B 163 -7.84 -0.48 -27.61
CA GLN B 163 -8.97 -0.76 -28.49
C GLN B 163 -8.92 0.07 -29.77
N GLN B 164 -8.62 1.36 -29.62
CA GLN B 164 -8.40 2.25 -30.76
C GLN B 164 -7.16 1.97 -31.59
N GLY B 165 -6.30 1.05 -31.14
CA GLY B 165 -5.14 0.61 -31.91
C GLY B 165 -4.01 1.61 -31.71
N ASN B 166 -4.16 2.48 -30.72
CA ASN B 166 -3.11 3.45 -30.39
C ASN B 166 -2.00 2.96 -29.42
N LEU B 167 -2.07 1.70 -29.01
CA LEU B 167 -1.18 1.18 -27.98
C LEU B 167 -1.13 -0.37 -27.99
N GLN B 168 0.08 -0.92 -27.98
CA GLN B 168 0.29 -2.35 -27.88
C GLN B 168 0.36 -2.87 -26.43
N PRO B 169 -0.35 -3.93 -26.11
CA PRO B 169 -0.54 -4.34 -24.70
C PRO B 169 0.73 -4.35 -23.93
N ASP B 170 1.62 -4.72 -24.72
CA ASP B 170 3.02 -5.01 -24.37
C ASP B 170 4.01 -3.86 -24.25
N GLN B 171 3.63 -2.72 -24.73
CA GLN B 171 4.29 -1.46 -24.48
C GLN B 171 3.90 -0.97 -23.08
N ILE B 172 2.84 -1.51 -22.51
CA ILE B 172 2.41 -0.99 -21.19
C ILE B 172 3.46 -1.34 -20.06
N ASP B 173 4.03 -0.34 -19.44
CA ASP B 173 4.94 -0.54 -18.33
C ASP B 173 4.65 0.32 -17.11
N GLU B 174 5.46 0.21 -16.06
CA GLU B 174 5.15 1.01 -14.84
C GLU B 174 5.11 2.48 -15.13
N GLU B 175 6.11 2.97 -15.85
CA GLU B 175 6.13 4.40 -16.17
C GLU B 175 4.85 4.88 -16.86
N MET B 176 4.38 4.17 -17.88
CA MET B 176 3.13 4.50 -18.51
C MET B 176 1.88 4.44 -17.64
N LEU B 177 1.77 3.45 -16.78
CA LEU B 177 0.62 3.43 -15.89
C LEU B 177 0.73 4.57 -14.90
N ASN B 178 1.93 4.83 -14.46
CA ASN B 178 2.18 5.94 -13.57
C ASN B 178 1.61 7.27 -14.13
N GLN B 179 1.74 7.48 -15.46
CA GLN B 179 1.19 8.65 -16.13
C GLN B 179 -0.30 8.75 -16.23
N HIS B 180 -0.98 7.69 -15.88
CA HIS B 180 -2.39 7.69 -15.90
C HIS B 180 -3.03 7.56 -14.57
N VAL B 181 -2.27 7.66 -13.50
CA VAL B 181 -2.87 7.60 -12.16
C VAL B 181 -2.77 9.00 -11.53
N CYS B 182 -3.60 9.23 -10.51
CA CYS B 182 -3.63 10.56 -9.89
C CYS B 182 -2.27 11.06 -9.41
N MET B 183 -2.06 12.39 -9.53
CA MET B 183 -0.88 13.06 -9.04
C MET B 183 0.47 12.81 -9.70
N HIS B 184 0.43 12.28 -10.93
CA HIS B 184 1.67 11.95 -11.61
C HIS B 184 2.50 13.18 -11.95
N GLU B 185 1.90 14.37 -11.99
CA GLU B 185 2.72 15.58 -12.17
C GLU B 185 3.38 16.12 -10.93
N LEU B 186 3.11 15.54 -9.76
CA LEU B 186 3.69 16.09 -8.50
C LEU B 186 4.87 15.25 -7.97
N ALA B 187 5.64 15.80 -7.02
CA ALA B 187 6.63 15.01 -6.40
C ALA B 187 6.01 13.69 -5.86
N PRO B 188 6.79 12.63 -5.85
CA PRO B 188 6.28 11.40 -5.26
C PRO B 188 5.89 11.62 -3.76
N VAL B 189 4.91 10.84 -3.34
CA VAL B 189 4.55 10.86 -1.89
C VAL B 189 5.70 10.33 -1.04
N ASP B 190 6.19 11.17 -0.18
CA ASP B 190 7.32 10.83 0.73
C ASP B 190 6.83 10.29 2.03
N LEU B 191 5.64 10.73 2.49
CA LEU B 191 5.23 10.46 3.91
C LEU B 191 3.74 10.36 3.94
N VAL B 192 3.21 9.27 4.53
CA VAL B 192 1.76 9.17 4.73
C VAL B 192 1.55 9.16 6.25
N ILE B 193 0.63 9.97 6.74
CA ILE B 193 0.31 10.07 8.19
C ILE B 193 -1.12 9.57 8.36
N ARG B 194 -1.37 8.67 9.32
CA ARG B 194 -2.75 8.36 9.57
C ARG B 194 -3.01 8.70 11.10
N THR B 195 -4.00 9.52 11.40
CA THR B 195 -4.38 9.88 12.78
C THR B 195 -5.43 8.87 13.20
N GLY B 196 -5.70 8.78 14.48
CA GLY B 196 -6.97 8.13 14.82
C GLY B 196 -6.73 6.72 15.32
N GLY B 197 -5.51 6.26 15.25
CA GLY B 197 -5.08 4.97 15.92
C GLY B 197 -5.19 3.70 15.10
N GLU B 198 -5.81 3.70 13.91
CA GLU B 198 -5.81 2.47 13.03
C GLU B 198 -4.52 2.37 12.17
N HIS B 199 -4.07 1.15 11.92
CA HIS B 199 -2.82 0.85 11.26
C HIS B 199 -2.92 0.38 9.83
N ARG B 200 -3.91 0.87 9.11
CA ARG B 200 -4.18 0.49 7.72
C ARG B 200 -4.13 1.63 6.81
N ILE B 201 -4.03 1.32 5.52
CA ILE B 201 -4.15 2.30 4.44
C ILE B 201 -5.57 2.53 4.02
N SER B 202 -6.48 1.57 4.24
CA SER B 202 -7.91 1.73 3.94
C SER B 202 -8.21 2.14 2.52
N ASN B 203 -7.46 1.64 1.55
CA ASN B 203 -7.75 1.94 0.15
C ASN B 203 -7.67 3.46 -0.14
N PHE B 204 -6.76 4.15 0.61
CA PHE B 204 -6.23 5.45 0.18
C PHE B 204 -5.11 5.08 -0.80
N LEU B 205 -4.27 6.01 -1.20
CA LEU B 205 -3.28 5.80 -2.24
C LEU B 205 -2.64 4.41 -2.09
N LEU B 206 -2.51 3.68 -3.22
CA LEU B 206 -1.78 2.40 -3.25
C LEU B 206 -0.59 2.46 -4.15
N TRP B 207 -0.85 2.71 -5.43
CA TRP B 207 0.28 2.87 -6.39
C TRP B 207 1.32 3.87 -5.93
N GLN B 208 0.84 4.98 -5.41
CA GLN B 208 1.72 6.13 -5.11
C GLN B 208 2.49 6.01 -3.82
N ILE B 209 2.12 5.03 -3.01
CA ILE B 209 2.80 4.89 -1.68
C ILE B 209 3.78 3.78 -1.58
N ALA B 210 4.20 3.26 -2.75
CA ALA B 210 5.24 2.15 -2.81
C ALA B 210 6.47 2.41 -1.97
N TYR B 211 6.94 3.67 -1.93
CA TYR B 211 8.18 3.99 -1.20
C TYR B 211 7.99 5.05 -0.18
N ALA B 212 6.77 5.34 0.25
CA ALA B 212 6.56 6.36 1.22
C ALA B 212 6.80 5.87 2.67
N GLU B 213 7.25 6.76 3.53
CA GLU B 213 7.32 6.48 5.01
C GLU B 213 5.86 6.45 5.52
N LEU B 214 5.50 5.51 6.39
CA LEU B 214 4.12 5.39 6.94
C LEU B 214 4.21 5.71 8.41
N TYR B 215 3.45 6.75 8.82
CA TYR B 215 3.55 7.22 10.18
C TYR B 215 2.13 7.15 10.78
N PHE B 216 1.96 6.30 11.80
CA PHE B 216 0.65 6.17 12.41
C PHE B 216 0.65 6.82 13.79
N THR B 217 -0.36 7.60 14.09
CA THR B 217 -0.46 8.17 15.45
C THR B 217 -1.83 7.96 16.01
N ASP B 218 -1.93 7.74 17.34
CA ASP B 218 -3.22 7.60 18.02
C ASP B 218 -3.92 8.92 18.22
N VAL B 219 -3.21 10.03 18.00
CA VAL B 219 -3.91 11.34 18.11
C VAL B 219 -5.10 11.42 17.18
N LEU B 220 -6.27 11.94 17.63
CA LEU B 220 -7.44 12.01 16.79
C LEU B 220 -7.33 13.25 15.91
N TRP B 221 -7.90 13.17 14.70
CA TRP B 221 -7.67 14.26 13.73
C TRP B 221 -7.95 15.68 14.27
N PRO B 222 -9.02 15.87 15.02
CA PRO B 222 -9.26 17.28 15.49
C PRO B 222 -8.20 17.80 16.44
N ASP B 223 -7.40 16.89 17.00
CA ASP B 223 -6.32 17.26 17.93
C ASP B 223 -4.96 17.34 17.32
N PHE B 224 -4.81 16.86 16.05
CA PHE B 224 -3.53 16.78 15.43
C PHE B 224 -3.07 18.23 15.13
N ASP B 225 -1.96 18.61 15.66
CA ASP B 225 -1.57 20.03 15.57
C ASP B 225 -0.13 20.18 15.20
N GLU B 226 0.39 21.43 15.02
CA GLU B 226 1.71 21.58 14.46
C GLU B 226 2.87 20.73 15.00
N GLN B 227 2.87 20.49 16.30
CA GLN B 227 3.88 19.64 16.91
C GLN B 227 3.74 18.19 16.45
N ASP B 228 2.48 17.74 16.33
CA ASP B 228 2.18 16.35 15.82
C ASP B 228 2.72 16.22 14.37
N PHE B 229 2.54 17.25 13.58
CA PHE B 229 2.96 17.20 12.14
C PHE B 229 4.47 17.23 12.07
N GLU B 230 5.10 18.11 12.89
CA GLU B 230 6.59 18.05 12.99
C GLU B 230 7.17 16.69 13.45
N GLY B 231 6.47 16.07 14.40
CA GLY B 231 6.82 14.69 14.87
C GLY B 231 6.87 13.75 13.69
N ALA B 232 5.85 13.82 12.78
CA ALA B 232 5.81 12.94 11.64
C ALA B 232 6.95 13.30 10.71
N LEU B 233 7.19 14.60 10.53
CA LEU B 233 8.29 14.99 9.67
C LEU B 233 9.70 14.55 10.21
N ASN B 234 9.87 14.49 11.53
CA ASN B 234 11.09 13.86 12.15
C ASN B 234 11.25 12.44 11.85
N ALA B 235 10.14 11.70 11.84
CA ALA B 235 10.20 10.29 11.52
C ALA B 235 10.79 10.16 10.13
N PHE B 236 10.32 10.96 9.17
CA PHE B 236 10.82 10.93 7.84
C PHE B 236 12.33 11.27 7.84
N ALA B 237 12.71 12.34 8.55
CA ALA B 237 14.11 12.84 8.58
C ALA B 237 15.10 11.85 9.24
N ASN B 238 14.70 11.21 10.33
CA ASN B 238 15.43 10.03 10.87
C ASN B 238 15.64 8.89 9.88
N ARG B 239 14.60 8.41 9.22
CA ARG B 239 14.81 7.42 8.19
C ARG B 239 15.58 8.07 7.06
#